data_9JT3
#
_entry.id   9JT3
#
_cell.length_a   75.883
_cell.length_b   75.883
_cell.length_c   166.115
_cell.angle_alpha   90.00
_cell.angle_beta   90.00
_cell.angle_gamma   90.00
#
_symmetry.space_group_name_H-M   'P 43 21 2'
#
loop_
_entity.id
_entity.type
_entity.pdbx_description
1 polymer Glyoxalase
2 non-polymer GLYCEROL
3 water water
#
_entity_poly.entity_id   1
_entity_poly.type   'polypeptide(L)'
_entity_poly.pdbx_seq_one_letter_code
;MGSSHHHHHHSSGLVPRGSHMSHDAVRPAPGEPTWVDLLTPDRGAALQFYSALFGWEFSTTSDGTSPYTMCRLRGREVCS
IGDLGENPGPALGGWSSYLSVDDADAAAAAVPELGGAVLLGPIDILAQGRMLLAGDPSGHRVGLWQAKEHTGSGPDDGIG
AYTRSELLTGASATDGAFYRGLFGADFATESGTDGGGRRAAIRQVGPAAPSGWYPCFRAQESAVPAAVMLGASVLLRYDC
PDGPAVVVSAPGGEVFTLLLTD
;
_entity_poly.pdbx_strand_id   A,B
#
# COMPACT_ATOMS: atom_id res chain seq x y z
N PRO A 28 13.49 -17.38 -15.07
CA PRO A 28 13.58 -18.57 -14.20
C PRO A 28 12.31 -19.42 -14.21
N ALA A 29 12.26 -20.47 -13.38
CA ALA A 29 11.13 -21.37 -13.30
C ALA A 29 9.96 -20.72 -12.54
N PRO A 30 8.73 -21.09 -12.86
CA PRO A 30 7.58 -20.51 -12.16
C PRO A 30 7.64 -20.79 -10.67
N GLY A 31 7.38 -19.77 -9.87
CA GLY A 31 7.47 -19.90 -8.42
C GLY A 31 8.85 -19.65 -7.85
N GLU A 32 9.85 -19.37 -8.69
CA GLU A 32 11.21 -19.14 -8.19
C GLU A 32 11.30 -17.77 -7.54
N PRO A 33 11.80 -17.67 -6.31
CA PRO A 33 12.06 -16.34 -5.73
C PRO A 33 12.96 -15.55 -6.65
N THR A 34 12.58 -14.30 -6.92
CA THR A 34 13.22 -13.58 -8.00
C THR A 34 13.64 -12.16 -7.63
N TRP A 35 12.95 -11.53 -6.67
CA TRP A 35 13.30 -10.17 -6.26
C TRP A 35 12.65 -9.85 -4.93
N VAL A 36 13.31 -9.00 -4.13
CA VAL A 36 12.75 -8.50 -2.89
C VAL A 36 13.01 -7.00 -2.80
N ASP A 37 12.07 -6.28 -2.17
CA ASP A 37 12.28 -4.87 -1.94
C ASP A 37 11.66 -4.46 -0.62
N LEU A 38 12.21 -3.41 -0.03
CA LEU A 38 11.83 -2.93 1.29
C LEU A 38 11.24 -1.54 1.17
N LEU A 39 10.05 -1.36 1.71
CA LEU A 39 9.41 -0.06 1.87
C LEU A 39 9.48 0.30 3.35
N THR A 40 10.09 1.43 3.68
CA THR A 40 10.30 1.80 5.07
C THR A 40 10.19 3.31 5.23
N PRO A 41 9.66 3.79 6.36
CA PRO A 41 9.56 5.24 6.57
C PRO A 41 10.89 5.90 6.87
N ASP A 42 11.89 5.16 7.31
CA ASP A 42 13.21 5.73 7.61
C ASP A 42 14.23 5.04 6.72
N ARG A 43 14.31 5.49 5.47
CA ARG A 43 15.20 4.85 4.52
C ARG A 43 16.62 4.85 5.05
N GLY A 44 17.24 6.02 5.16
CA GLY A 44 18.62 6.17 5.61
C GLY A 44 19.02 5.26 6.77
N ALA A 45 18.18 5.20 7.80
CA ALA A 45 18.43 4.29 8.92
C ALA A 45 18.52 2.85 8.47
N ALA A 46 17.64 2.44 7.55
CA ALA A 46 17.68 1.07 7.02
C ALA A 46 18.96 0.82 6.26
N LEU A 47 19.43 1.79 5.48
CA LEU A 47 20.68 1.61 4.73
C LEU A 47 21.87 1.39 5.66
N GLN A 48 21.94 2.13 6.77
CA GLN A 48 23.00 1.88 7.74
C GLN A 48 22.92 0.48 8.30
N PHE A 49 21.72 0.06 8.71
CA PHE A 49 21.54 -1.24 9.35
C PHE A 49 21.99 -2.37 8.43
N TYR A 50 21.40 -2.44 7.23
CA TYR A 50 21.69 -3.54 6.32
C TYR A 50 23.12 -3.49 5.80
N SER A 51 23.67 -2.30 5.59
CA SER A 51 25.08 -2.22 5.21
C SER A 51 25.96 -2.71 6.36
N ALA A 52 25.65 -2.30 7.59
CA ALA A 52 26.37 -2.83 8.75
C ALA A 52 26.26 -4.35 8.82
N LEU A 53 25.05 -4.86 8.63
CA LEU A 53 24.83 -6.29 8.86
C LEU A 53 25.28 -7.14 7.67
N PHE A 54 25.05 -6.67 6.44
CA PHE A 54 25.30 -7.50 5.27
C PHE A 54 26.46 -7.01 4.40
N GLY A 55 26.86 -5.75 4.52
CA GLY A 55 27.89 -5.20 3.66
C GLY A 55 27.38 -4.52 2.39
N TRP A 56 26.07 -4.56 2.13
CA TRP A 56 25.52 -3.95 0.93
C TRP A 56 26.08 -2.55 0.71
N GLU A 57 26.65 -2.32 -0.47
CA GLU A 57 27.01 -0.98 -0.87
C GLU A 57 25.80 -0.31 -1.52
N PHE A 58 25.62 0.98 -1.23
CA PHE A 58 24.62 1.79 -1.90
C PHE A 58 25.30 3.09 -2.37
N SER A 66 16.13 9.72 -5.54
CA SER A 66 14.96 9.03 -6.09
C SER A 66 14.15 8.46 -4.93
N PRO A 67 12.97 7.90 -5.20
CA PRO A 67 12.22 7.23 -4.11
C PRO A 67 12.97 6.07 -3.48
N TYR A 68 13.78 5.35 -4.25
CA TYR A 68 14.41 4.11 -3.79
C TYR A 68 15.93 4.23 -3.78
N THR A 69 16.57 3.27 -3.13
CA THR A 69 18.02 3.10 -3.21
C THR A 69 18.31 1.66 -3.60
N MET A 70 19.18 1.49 -4.60
CA MET A 70 19.61 0.17 -4.99
C MET A 70 20.75 -0.30 -4.09
N CYS A 71 20.67 -1.55 -3.65
CA CYS A 71 21.68 -2.16 -2.79
C CYS A 71 22.47 -3.17 -3.60
N ARG A 72 23.80 -3.06 -3.53
CA ARG A 72 24.67 -3.92 -4.32
C ARG A 72 25.65 -4.67 -3.43
N LEU A 73 26.08 -5.82 -3.91
CA LEU A 73 27.12 -6.61 -3.27
C LEU A 73 27.85 -7.36 -4.37
N ARG A 74 29.19 -7.25 -4.39
CA ARG A 74 29.99 -7.85 -5.45
C ARG A 74 29.62 -7.28 -6.81
N GLY A 75 29.24 -6.01 -6.85
CA GLY A 75 28.85 -5.38 -8.10
C GLY A 75 27.55 -5.84 -8.70
N ARG A 76 26.73 -6.60 -7.98
CA ARG A 76 25.42 -7.04 -8.45
C ARG A 76 24.34 -6.47 -7.54
N GLU A 77 23.19 -6.18 -8.12
CA GLU A 77 22.08 -5.63 -7.36
C GLU A 77 21.41 -6.76 -6.58
N VAL A 78 21.23 -6.53 -5.27
CA VAL A 78 20.59 -7.51 -4.40
C VAL A 78 19.12 -7.23 -4.20
N CYS A 79 18.76 -5.96 -4.02
CA CYS A 79 17.42 -5.57 -3.62
C CYS A 79 17.35 -4.06 -3.71
N SER A 80 16.19 -3.52 -3.36
CA SER A 80 15.97 -2.07 -3.32
C SER A 80 15.29 -1.69 -2.03
N ILE A 81 15.57 -0.47 -1.58
CA ILE A 81 14.97 0.11 -0.39
C ILE A 81 14.36 1.45 -0.79
N GLY A 82 13.04 1.60 -0.57
CA GLY A 82 12.33 2.79 -0.96
C GLY A 82 11.65 3.45 0.24
N ASP A 83 11.17 4.66 0.01
CA ASP A 83 10.64 5.50 1.07
C ASP A 83 9.13 5.28 1.18
N LEU A 84 8.67 4.92 2.39
CA LEU A 84 7.27 4.61 2.61
C LEU A 84 6.38 5.83 2.39
N GLY A 85 6.78 6.98 2.93
CA GLY A 85 6.00 8.20 2.79
C GLY A 85 6.25 8.97 1.50
N GLU A 86 6.76 8.31 0.46
CA GLU A 86 6.94 8.98 -0.82
C GLU A 86 5.62 9.36 -1.46
N ASN A 87 4.57 8.57 -1.23
CA ASN A 87 3.25 8.79 -1.79
C ASN A 87 2.22 8.69 -0.68
N PRO A 88 0.96 9.09 -0.94
CA PRO A 88 -0.06 9.00 0.11
C PRO A 88 -0.73 7.64 0.16
N GLY A 89 -1.97 7.64 0.65
CA GLY A 89 -2.80 6.47 0.69
C GLY A 89 -2.29 5.44 1.67
N PRO A 90 -3.14 4.45 1.97
CA PRO A 90 -2.72 3.40 2.91
C PRO A 90 -1.65 2.53 2.26
N ALA A 91 -0.66 2.15 3.07
CA ALA A 91 0.46 1.40 2.52
C ALA A 91 1.08 0.52 3.60
N LEU A 92 1.35 -0.74 3.24
CA LEU A 92 2.02 -1.70 4.11
C LEU A 92 3.51 -1.69 3.78
N GLY A 93 4.33 -1.33 4.75
CA GLY A 93 5.78 -1.38 4.58
C GLY A 93 6.32 -2.79 4.79
N GLY A 94 7.64 -2.86 4.96
CA GLY A 94 8.28 -4.15 5.12
C GLY A 94 8.82 -4.71 3.83
N TRP A 95 9.32 -5.94 3.93
CA TRP A 95 9.92 -6.65 2.80
C TRP A 95 8.85 -7.34 1.96
N SER A 96 8.87 -7.09 0.65
CA SER A 96 7.97 -7.72 -0.31
C SER A 96 8.75 -8.75 -1.11
N SER A 97 8.20 -9.96 -1.23
CA SER A 97 8.85 -11.00 -2.02
C SER A 97 8.14 -11.16 -3.35
N TYR A 98 8.91 -11.34 -4.43
CA TYR A 98 8.39 -11.54 -5.77
C TYR A 98 8.79 -12.92 -6.29
N LEU A 99 7.79 -13.70 -6.69
CA LEU A 99 8.01 -15.00 -7.32
C LEU A 99 7.74 -14.90 -8.81
N SER A 100 8.47 -15.70 -9.59
CA SER A 100 8.40 -15.62 -11.04
C SER A 100 7.14 -16.31 -11.55
N VAL A 101 6.53 -15.73 -12.59
CA VAL A 101 5.44 -16.38 -13.31
C VAL A 101 5.67 -16.18 -14.80
N ASP A 102 5.28 -17.18 -15.60
CA ASP A 102 5.45 -17.02 -17.04
C ASP A 102 4.44 -16.06 -17.64
N ASP A 103 3.28 -15.90 -16.99
CA ASP A 103 2.17 -15.13 -17.58
C ASP A 103 1.40 -14.46 -16.45
N ALA A 104 1.61 -13.15 -16.28
CA ALA A 104 0.94 -12.43 -15.20
C ALA A 104 -0.57 -12.42 -15.38
N ASP A 105 -1.05 -12.26 -16.62
CA ASP A 105 -2.50 -12.23 -16.84
C ASP A 105 -3.14 -13.57 -16.49
N ALA A 106 -2.51 -14.69 -16.88
CA ALA A 106 -3.02 -16.01 -16.54
C ALA A 106 -3.02 -16.25 -15.03
N ALA A 107 -1.94 -15.86 -14.36
CA ALA A 107 -1.88 -15.97 -12.90
C ALA A 107 -3.01 -15.19 -12.25
N ALA A 108 -3.24 -13.96 -12.72
CA ALA A 108 -4.30 -13.13 -12.18
C ALA A 108 -5.66 -13.81 -12.32
N ALA A 109 -5.89 -14.52 -13.42
CA ALA A 109 -7.14 -15.26 -13.57
C ALA A 109 -7.18 -16.46 -12.63
N ALA A 110 -6.02 -17.06 -12.35
CA ALA A 110 -5.97 -18.27 -11.52
C ALA A 110 -6.19 -17.96 -10.04
N VAL A 111 -5.76 -16.79 -9.58
CA VAL A 111 -5.73 -16.52 -8.13
C VAL A 111 -7.11 -16.64 -7.49
N PRO A 112 -8.16 -15.97 -7.98
CA PRO A 112 -9.48 -16.15 -7.34
C PRO A 112 -10.00 -17.56 -7.42
N GLU A 113 -9.72 -18.27 -8.51
CA GLU A 113 -10.21 -19.63 -8.70
C GLU A 113 -9.60 -20.59 -7.70
N LEU A 114 -8.43 -20.26 -7.18
CA LEU A 114 -7.70 -21.10 -6.26
C LEU A 114 -7.87 -20.67 -4.81
N GLY A 115 -8.76 -19.71 -4.54
CA GLY A 115 -9.07 -19.32 -3.19
C GLY A 115 -8.34 -18.11 -2.66
N GLY A 116 -7.57 -17.42 -3.49
CA GLY A 116 -6.91 -16.19 -3.09
C GLY A 116 -7.58 -14.97 -3.69
N ALA A 117 -6.88 -13.85 -3.65
CA ALA A 117 -7.42 -12.59 -4.14
C ALA A 117 -6.34 -11.80 -4.84
N VAL A 118 -6.72 -11.07 -5.89
CA VAL A 118 -5.79 -10.15 -6.54
C VAL A 118 -5.85 -8.81 -5.81
N LEU A 119 -4.69 -8.37 -5.30
CA LEU A 119 -4.62 -7.12 -4.53
C LEU A 119 -4.19 -5.92 -5.38
N LEU A 120 -3.51 -6.14 -6.49
CA LEU A 120 -3.04 -5.07 -7.34
C LEU A 120 -2.57 -5.66 -8.66
N GLY A 121 -2.87 -4.98 -9.75
CA GLY A 121 -2.42 -5.44 -11.05
C GLY A 121 -3.42 -6.37 -11.69
N PRO A 122 -3.02 -7.03 -12.79
CA PRO A 122 -1.70 -6.98 -13.45
C PRO A 122 -1.40 -5.61 -14.04
N ILE A 123 -0.17 -5.12 -13.92
CA ILE A 123 0.22 -3.82 -14.45
C ILE A 123 1.61 -3.94 -15.04
N ASP A 124 1.88 -3.13 -16.05
CA ASP A 124 3.21 -3.08 -16.63
C ASP A 124 4.10 -2.18 -15.80
N ILE A 125 5.33 -2.61 -15.57
CA ILE A 125 6.34 -1.80 -14.89
C ILE A 125 7.36 -1.37 -15.94
N LEU A 126 7.18 -0.17 -16.48
CA LEU A 126 7.98 0.33 -17.59
C LEU A 126 8.00 -0.68 -18.72
N ALA A 127 9.20 -1.17 -19.05
CA ALA A 127 9.37 -2.32 -19.92
C ALA A 127 10.05 -3.50 -19.21
N GLN A 128 10.31 -3.37 -17.90
CA GLN A 128 10.95 -4.45 -17.16
C GLN A 128 10.09 -5.72 -17.14
N GLY A 129 8.78 -5.57 -17.03
CA GLY A 129 7.91 -6.72 -17.03
C GLY A 129 6.52 -6.37 -16.59
N ARG A 130 5.80 -7.39 -16.13
CA ARG A 130 4.42 -7.27 -15.69
C ARG A 130 4.29 -7.91 -14.32
N MET A 131 3.56 -7.26 -13.43
CA MET A 131 3.49 -7.73 -12.05
C MET A 131 2.07 -7.67 -11.54
N LEU A 132 1.79 -8.52 -10.55
CA LEU A 132 0.61 -8.38 -9.72
C LEU A 132 0.98 -8.73 -8.29
N LEU A 133 0.18 -8.22 -7.37
CA LEU A 133 0.26 -8.59 -5.96
C LEU A 133 -0.98 -9.41 -5.66
N ALA A 134 -0.80 -10.50 -4.90
CA ALA A 134 -1.87 -11.45 -4.61
C ALA A 134 -1.87 -11.79 -3.12
N GLY A 135 -3.03 -12.22 -2.65
CA GLY A 135 -3.17 -12.78 -1.30
C GLY A 135 -3.59 -14.22 -1.41
N ASP A 136 -2.98 -15.07 -0.60
CA ASP A 136 -3.29 -16.49 -0.61
C ASP A 136 -4.52 -16.74 0.27
N PRO A 137 -4.98 -18.00 0.40
CA PRO A 137 -6.16 -18.26 1.23
C PRO A 137 -6.06 -17.73 2.65
N SER A 138 -4.87 -17.69 3.23
CA SER A 138 -4.73 -17.19 4.59
C SER A 138 -4.57 -15.68 4.66
N GLY A 139 -4.56 -14.99 3.54
CA GLY A 139 -4.33 -13.55 3.55
C GLY A 139 -2.89 -13.10 3.41
N HIS A 140 -1.93 -14.01 3.25
CA HIS A 140 -0.54 -13.62 3.10
C HIS A 140 -0.32 -12.99 1.72
N ARG A 141 0.38 -11.86 1.68
CA ARG A 141 0.62 -11.16 0.42
C ARG A 141 1.90 -11.65 -0.22
N VAL A 142 1.87 -11.82 -1.53
CA VAL A 142 3.07 -12.14 -2.30
C VAL A 142 2.99 -11.45 -3.65
N GLY A 143 4.17 -11.12 -4.18
CA GLY A 143 4.29 -10.53 -5.50
C GLY A 143 4.56 -11.59 -6.56
N LEU A 144 4.00 -11.36 -7.75
CA LEU A 144 4.18 -12.24 -8.89
C LEU A 144 4.74 -11.43 -10.04
N TRP A 145 5.82 -11.91 -10.66
CA TRP A 145 6.62 -11.07 -11.55
C TRP A 145 6.87 -11.80 -12.86
N GLN A 146 6.43 -11.20 -13.96
CA GLN A 146 6.69 -11.72 -15.30
C GLN A 146 7.77 -10.81 -15.90
N ALA A 147 9.01 -11.29 -15.96
CA ALA A 147 10.13 -10.48 -16.42
C ALA A 147 10.15 -10.38 -17.94
N LYS A 148 10.45 -9.18 -18.44
CA LYS A 148 10.57 -9.00 -19.90
C LYS A 148 12.01 -8.64 -20.33
N PRO A 155 22.24 -12.04 -8.40
CA PRO A 155 21.75 -13.37 -8.00
C PRO A 155 22.84 -14.24 -7.36
N ASP A 156 23.75 -13.60 -6.62
CA ASP A 156 24.84 -14.31 -5.99
C ASP A 156 24.32 -15.29 -4.94
N ASP A 157 25.23 -16.10 -4.41
CA ASP A 157 24.87 -17.07 -3.39
C ASP A 157 25.89 -17.13 -2.27
N GLY A 158 26.51 -16.00 -1.95
CA GLY A 158 27.40 -15.89 -0.81
C GLY A 158 26.79 -15.10 0.34
N ILE A 159 27.66 -14.74 1.29
CA ILE A 159 27.25 -14.00 2.47
C ILE A 159 26.61 -12.67 2.05
N GLY A 160 25.44 -12.38 2.60
CA GLY A 160 24.73 -11.14 2.30
C GLY A 160 23.84 -11.19 1.06
N ALA A 161 23.85 -12.29 0.32
CA ALA A 161 23.02 -12.40 -0.87
C ALA A 161 21.60 -12.86 -0.52
N TYR A 162 20.67 -12.52 -1.40
CA TYR A 162 19.28 -12.99 -1.30
C TYR A 162 19.21 -14.42 -1.78
N THR A 163 18.96 -15.35 -0.87
CA THR A 163 18.98 -16.78 -1.17
C THR A 163 17.62 -17.30 -1.63
N ARG A 164 16.56 -16.93 -0.93
CA ARG A 164 15.21 -17.40 -1.25
C ARG A 164 14.24 -16.63 -0.36
N SER A 165 12.94 -16.85 -0.56
CA SER A 165 11.94 -16.45 0.40
C SER A 165 11.23 -17.68 0.94
N GLU A 166 10.73 -17.60 2.17
CA GLU A 166 10.04 -18.70 2.80
C GLU A 166 8.73 -18.20 3.37
N LEU A 167 7.69 -19.01 3.23
CA LEU A 167 6.38 -18.72 3.79
C LEU A 167 6.21 -19.46 5.12
N LEU A 168 6.06 -18.70 6.22
CA LEU A 168 5.65 -19.23 7.51
C LEU A 168 4.14 -19.09 7.62
N THR A 169 3.43 -20.19 7.87
CA THR A 169 1.97 -20.15 7.86
C THR A 169 1.41 -21.21 8.79
N GLY A 170 0.32 -20.85 9.46
CA GLY A 170 -0.45 -21.81 10.24
C GLY A 170 -1.32 -22.73 9.40
N ALA A 171 -1.38 -22.55 8.09
CA ALA A 171 -2.22 -23.38 7.24
C ALA A 171 -1.40 -23.89 6.05
N SER A 172 -0.33 -24.64 6.35
CA SER A 172 0.61 -25.02 5.30
C SER A 172 -0.02 -25.94 4.26
N ALA A 173 -1.04 -26.71 4.63
CA ALA A 173 -1.70 -27.55 3.64
C ALA A 173 -2.63 -26.73 2.74
N THR A 174 -3.51 -25.93 3.34
CA THR A 174 -4.39 -25.08 2.55
C THR A 174 -3.59 -24.14 1.65
N ASP A 175 -2.59 -23.47 2.22
CA ASP A 175 -1.81 -22.50 1.46
C ASP A 175 -0.97 -23.21 0.39
N GLY A 176 -0.37 -24.34 0.76
CA GLY A 176 0.40 -25.10 -0.22
C GLY A 176 -0.40 -25.51 -1.43
N ALA A 177 -1.67 -25.88 -1.24
CA ALA A 177 -2.54 -26.22 -2.38
C ALA A 177 -2.70 -25.02 -3.32
N PHE A 178 -2.83 -23.83 -2.76
CA PHE A 178 -2.93 -22.61 -3.58
C PHE A 178 -1.69 -22.44 -4.44
N TYR A 179 -0.50 -22.45 -3.82
CA TYR A 179 0.72 -22.18 -4.58
C TYR A 179 0.99 -23.27 -5.61
N ARG A 180 0.72 -24.53 -5.28
CA ARG A 180 0.90 -25.59 -6.28
C ARG A 180 -0.13 -25.51 -7.41
N GLY A 181 -1.28 -24.90 -7.16
CA GLY A 181 -2.18 -24.61 -8.27
C GLY A 181 -1.61 -23.56 -9.22
N LEU A 182 -0.88 -22.59 -8.68
CA LEU A 182 -0.25 -21.56 -9.51
C LEU A 182 1.00 -22.10 -10.22
N PHE A 183 1.83 -22.83 -9.49
CA PHE A 183 3.20 -23.15 -9.92
C PHE A 183 3.45 -24.62 -10.18
N GLY A 184 2.52 -25.50 -9.84
CA GLY A 184 2.76 -26.91 -10.09
C GLY A 184 2.93 -27.70 -8.80
N ALA A 185 2.62 -28.99 -8.87
CA ALA A 185 2.67 -29.89 -7.72
C ALA A 185 4.05 -29.99 -7.10
N ASP A 186 5.11 -29.71 -7.86
CA ASP A 186 6.46 -29.79 -7.33
C ASP A 186 6.85 -28.58 -6.49
N PHE A 187 6.06 -27.52 -6.49
CA PHE A 187 6.45 -26.27 -5.84
C PHE A 187 6.66 -26.50 -4.34
N ALA A 188 7.77 -25.99 -3.82
CA ALA A 188 8.10 -26.08 -2.40
C ALA A 188 8.18 -27.55 -1.93
N THR A 189 8.59 -28.44 -2.82
CA THR A 189 8.75 -29.88 -2.52
C THR A 189 9.44 -30.57 -3.69
N ARG A 198 17.16 -20.62 -7.07
CA ARG A 198 16.45 -20.30 -5.83
C ARG A 198 15.16 -21.11 -5.74
N ARG A 199 14.85 -21.66 -4.56
CA ARG A 199 13.63 -22.45 -4.38
C ARG A 199 12.93 -22.00 -3.11
N ALA A 200 11.68 -21.58 -3.24
CA ALA A 200 10.91 -21.16 -2.08
C ALA A 200 10.62 -22.37 -1.19
N ALA A 201 10.16 -22.09 0.04
CA ALA A 201 9.72 -23.13 0.96
C ALA A 201 8.53 -22.64 1.75
N ILE A 202 7.76 -23.59 2.27
CA ILE A 202 6.59 -23.31 3.10
C ILE A 202 6.78 -24.05 4.42
N ARG A 203 6.73 -23.33 5.54
CA ARG A 203 6.93 -23.90 6.87
C ARG A 203 5.66 -23.81 7.71
N GLN A 204 5.26 -24.92 8.30
CA GLN A 204 4.15 -24.92 9.27
C GLN A 204 4.62 -24.35 10.60
N VAL A 205 3.91 -23.33 11.12
CA VAL A 205 4.23 -22.72 12.40
C VAL A 205 2.97 -22.60 13.25
N GLY A 206 3.18 -22.52 14.57
CA GLY A 206 2.09 -22.40 15.50
C GLY A 206 1.52 -21.00 15.52
N PRO A 207 0.44 -20.85 16.29
CA PRO A 207 -0.30 -19.58 16.32
C PRO A 207 0.48 -18.38 16.84
N ALA A 208 1.52 -18.57 17.65
CA ALA A 208 2.28 -17.43 18.17
C ALA A 208 3.41 -16.96 17.26
N ALA A 209 3.77 -17.73 16.23
CA ALA A 209 4.89 -17.37 15.37
C ALA A 209 4.52 -16.28 14.37
N PRO A 210 5.52 -15.56 13.85
CA PRO A 210 5.25 -14.64 12.74
C PRO A 210 4.77 -15.42 11.52
N SER A 211 4.01 -14.77 10.65
CA SER A 211 3.48 -15.45 9.49
C SER A 211 3.56 -14.55 8.27
N GLY A 212 3.64 -15.18 7.10
CA GLY A 212 3.79 -14.48 5.84
C GLY A 212 5.08 -14.88 5.14
N TRP A 213 5.31 -14.24 3.98
CA TRP A 213 6.52 -14.48 3.20
C TRP A 213 7.66 -13.61 3.75
N TYR A 214 8.83 -14.21 3.97
CA TYR A 214 9.98 -13.44 4.42
C TYR A 214 11.19 -13.74 3.57
N PRO A 215 11.97 -12.71 3.22
CA PRO A 215 13.21 -12.95 2.46
C PRO A 215 14.27 -13.57 3.34
N CYS A 216 15.05 -14.49 2.76
CA CYS A 216 16.12 -15.13 3.50
C CYS A 216 17.45 -14.74 2.86
N PHE A 217 18.37 -14.26 3.69
CA PHE A 217 19.72 -13.85 3.27
C PHE A 217 20.76 -14.71 4.01
N ARG A 218 21.74 -15.23 3.27
CA ARG A 218 22.80 -15.99 3.92
C ARG A 218 23.66 -15.07 4.77
N ALA A 219 24.16 -15.64 5.87
CA ALA A 219 24.97 -14.90 6.83
C ALA A 219 25.72 -15.92 7.68
N GLN A 220 26.74 -15.46 8.39
CA GLN A 220 27.38 -16.28 9.39
C GLN A 220 26.66 -16.14 10.73
N GLU A 221 26.94 -17.08 11.63
CA GLU A 221 26.27 -17.10 12.93
C GLU A 221 26.47 -15.79 13.69
N SER A 222 27.63 -15.14 13.52
CA SER A 222 27.92 -13.88 14.18
C SER A 222 26.94 -12.77 13.81
N ALA A 223 26.16 -12.94 12.75
CA ALA A 223 25.22 -11.91 12.33
C ALA A 223 24.08 -11.75 13.33
N VAL A 224 23.73 -12.80 14.06
CA VAL A 224 22.59 -12.71 14.99
C VAL A 224 22.96 -11.75 16.12
N PRO A 225 24.04 -11.96 16.89
CA PRO A 225 24.40 -10.95 17.91
C PRO A 225 24.70 -9.58 17.34
N ALA A 226 25.22 -9.49 16.10
CA ALA A 226 25.45 -8.18 15.49
C ALA A 226 24.14 -7.44 15.25
N ALA A 227 23.17 -8.12 14.63
CA ALA A 227 21.84 -7.54 14.44
C ALA A 227 21.25 -7.04 15.76
N VAL A 228 21.36 -7.85 16.81
CA VAL A 228 20.82 -7.48 18.11
C VAL A 228 21.54 -6.26 18.69
N MET A 229 22.87 -6.20 18.55
CA MET A 229 23.61 -5.01 18.99
C MET A 229 23.16 -3.77 18.23
N LEU A 230 22.76 -3.92 16.96
CA LEU A 230 22.26 -2.82 16.16
C LEU A 230 20.81 -2.48 16.46
N GLY A 231 20.14 -3.22 17.33
CA GLY A 231 18.78 -2.89 17.73
C GLY A 231 17.70 -3.83 17.25
N ALA A 232 18.05 -4.92 16.57
CA ALA A 232 17.04 -5.87 16.09
C ALA A 232 16.63 -6.84 17.20
N SER A 233 15.52 -7.54 16.98
CA SER A 233 14.99 -8.50 17.96
C SER A 233 14.65 -9.82 17.27
N VAL A 234 15.23 -10.92 17.75
CA VAL A 234 14.91 -12.20 17.15
C VAL A 234 13.48 -12.58 17.52
N LEU A 235 12.72 -13.07 16.53
CA LEU A 235 11.35 -13.53 16.74
C LEU A 235 11.19 -15.04 16.71
N LEU A 236 12.05 -15.75 15.98
CA LEU A 236 11.87 -17.19 15.76
C LEU A 236 13.18 -17.80 15.27
N ARG A 237 13.42 -19.04 15.65
CA ARG A 237 14.53 -19.80 15.11
C ARG A 237 14.04 -21.20 14.79
N TYR A 238 14.33 -21.68 13.58
CA TYR A 238 13.95 -23.02 13.17
C TYR A 238 15.05 -23.61 12.28
N ASP A 239 15.03 -24.93 12.12
CA ASP A 239 16.01 -25.63 11.30
C ASP A 239 15.50 -25.86 9.89
N CYS A 240 16.35 -25.57 8.90
CA CYS A 240 16.19 -25.89 7.50
C CYS A 240 17.19 -26.97 7.10
N PRO A 241 16.95 -27.68 6.00
CA PRO A 241 17.93 -28.66 5.53
C PRO A 241 19.33 -28.10 5.36
N ASP A 242 19.47 -26.83 4.98
CA ASP A 242 20.78 -26.26 4.72
C ASP A 242 21.30 -25.40 5.87
N GLY A 243 20.64 -25.43 7.02
CA GLY A 243 21.12 -24.69 8.17
C GLY A 243 20.00 -24.09 8.99
N PRO A 244 20.32 -23.51 10.14
CA PRO A 244 19.30 -22.85 10.95
C PRO A 244 18.86 -21.55 10.30
N ALA A 245 17.60 -21.19 10.53
CA ALA A 245 17.05 -19.93 10.06
C ALA A 245 16.64 -19.11 11.26
N VAL A 246 16.95 -17.81 11.23
CA VAL A 246 16.69 -16.90 12.34
C VAL A 246 15.85 -15.75 11.80
N VAL A 247 14.60 -15.66 12.27
CA VAL A 247 13.68 -14.60 11.86
C VAL A 247 13.90 -13.39 12.75
N VAL A 248 14.16 -12.24 12.13
CA VAL A 248 14.62 -11.06 12.83
C VAL A 248 13.66 -9.91 12.57
N SER A 249 13.32 -9.19 13.64
CA SER A 249 12.58 -7.94 13.55
C SER A 249 13.60 -6.80 13.53
N ALA A 250 13.72 -6.10 12.40
CA ALA A 250 14.69 -5.02 12.28
C ALA A 250 14.33 -3.88 13.24
N PRO A 251 15.27 -2.96 13.52
CA PRO A 251 14.91 -1.84 14.41
C PRO A 251 13.73 -1.03 13.87
N GLY A 252 13.60 -0.91 12.56
CA GLY A 252 12.44 -0.24 12.01
C GLY A 252 11.17 -1.05 11.97
N GLY A 253 11.18 -2.30 12.41
CA GLY A 253 9.98 -3.11 12.48
C GLY A 253 9.80 -4.10 11.35
N GLU A 254 10.45 -3.90 10.21
CA GLU A 254 10.34 -4.89 9.14
C GLU A 254 11.02 -6.20 9.56
N VAL A 255 10.58 -7.29 8.94
CA VAL A 255 10.98 -8.64 9.35
C VAL A 255 11.66 -9.33 8.18
N PHE A 256 12.79 -9.97 8.46
CA PHE A 256 13.53 -10.72 7.46
C PHE A 256 14.16 -11.92 8.16
N THR A 257 14.74 -12.82 7.37
CA THR A 257 15.29 -14.06 7.90
C THR A 257 16.76 -14.21 7.55
N LEU A 258 17.55 -14.66 8.53
CA LEU A 258 18.97 -14.96 8.38
C LEU A 258 19.15 -16.47 8.23
N LEU A 259 19.83 -16.91 7.17
CA LEU A 259 20.13 -18.33 6.96
C LEU A 259 21.59 -18.56 7.32
N LEU A 260 21.84 -19.29 8.40
CA LEU A 260 23.18 -19.39 8.98
C LEU A 260 23.97 -20.53 8.36
N THR A 261 25.23 -20.25 8.01
CA THR A 261 26.13 -21.28 7.50
C THR A 261 27.39 -21.36 8.35
N PRO B 28 -25.61 11.01 -8.65
CA PRO B 28 -24.30 11.67 -8.67
C PRO B 28 -23.71 11.74 -10.09
N ALA B 29 -23.18 12.91 -10.45
CA ALA B 29 -22.61 13.11 -11.78
C ALA B 29 -21.30 12.33 -11.94
N PRO B 30 -20.93 11.99 -13.18
CA PRO B 30 -19.62 11.37 -13.41
C PRO B 30 -18.52 12.23 -12.82
N GLY B 31 -17.61 11.60 -12.07
CA GLY B 31 -16.52 12.30 -11.44
C GLY B 31 -16.85 12.98 -10.12
N GLU B 32 -18.08 12.86 -9.63
CA GLU B 32 -18.43 13.51 -8.38
C GLU B 32 -17.80 12.75 -7.21
N PRO B 33 -17.12 13.44 -6.29
CA PRO B 33 -16.62 12.73 -5.10
C PRO B 33 -17.77 12.10 -4.35
N THR B 34 -17.64 10.83 -4.02
CA THR B 34 -18.77 10.11 -3.47
C THR B 34 -18.50 9.36 -2.18
N TRP B 35 -17.25 9.01 -1.88
CA TRP B 35 -16.98 8.32 -0.62
C TRP B 35 -15.50 8.44 -0.30
N VAL B 36 -15.17 8.50 1.00
CA VAL B 36 -13.79 8.38 1.43
C VAL B 36 -13.73 7.39 2.58
N ASP B 37 -12.61 6.68 2.66
N ASP B 37 -12.67 6.59 2.60
CA ASP B 37 -12.41 5.60 3.62
CA ASP B 37 -12.43 5.66 3.69
C ASP B 37 -10.97 5.66 4.14
C ASP B 37 -11.00 5.84 4.16
N LEU B 38 -10.80 5.66 5.46
CA LEU B 38 -9.48 5.68 6.06
C LEU B 38 -9.08 4.27 6.46
N LEU B 39 -7.91 3.84 6.01
CA LEU B 39 -7.31 2.58 6.44
C LEU B 39 -6.07 2.93 7.22
N THR B 40 -6.03 2.53 8.48
CA THR B 40 -4.99 2.98 9.41
C THR B 40 -4.49 1.82 10.24
N PRO B 41 -3.20 1.82 10.62
CA PRO B 41 -2.68 0.77 11.50
C PRO B 41 -3.12 0.89 12.94
N ASP B 42 -3.76 2.01 13.37
CA ASP B 42 -4.24 2.13 14.75
C ASP B 42 -5.65 2.75 14.72
N ARG B 43 -6.65 1.89 14.50
CA ARG B 43 -8.02 2.38 14.32
C ARG B 43 -8.55 3.04 15.58
N GLY B 44 -8.25 2.47 16.75
CA GLY B 44 -8.73 3.06 17.99
C GLY B 44 -8.21 4.49 18.19
N ALA B 45 -6.93 4.72 17.91
CA ALA B 45 -6.40 6.08 17.99
C ALA B 45 -7.05 6.99 16.96
N ALA B 46 -7.31 6.46 15.75
CA ALA B 46 -7.93 7.28 14.72
C ALA B 46 -9.31 7.72 15.17
N LEU B 47 -10.07 6.80 15.79
CA LEU B 47 -11.43 7.11 16.23
C LEU B 47 -11.44 8.21 17.26
N GLN B 48 -10.51 8.16 18.22
CA GLN B 48 -10.41 9.23 19.21
C GLN B 48 -10.07 10.55 18.56
N PHE B 49 -9.14 10.55 17.60
CA PHE B 49 -8.69 11.81 16.98
C PHE B 49 -9.81 12.45 16.18
N TYR B 50 -10.45 11.69 15.29
CA TYR B 50 -11.42 12.31 14.41
C TYR B 50 -12.71 12.64 15.16
N SER B 51 -13.07 11.82 16.16
CA SER B 51 -14.18 12.18 17.02
C SER B 51 -13.89 13.47 17.79
N ALA B 52 -12.67 13.64 18.30
CA ALA B 52 -12.36 14.88 19.00
C ALA B 52 -12.34 16.07 18.05
N LEU B 53 -11.87 15.87 16.81
CA LEU B 53 -11.74 16.99 15.89
C LEU B 53 -13.07 17.35 15.21
N PHE B 54 -13.83 16.34 14.75
CA PHE B 54 -15.03 16.56 13.95
C PHE B 54 -16.33 16.19 14.68
N GLY B 55 -16.25 15.53 15.83
CA GLY B 55 -17.45 15.13 16.55
C GLY B 55 -18.16 13.92 15.99
N TRP B 56 -17.54 13.19 15.05
CA TRP B 56 -18.15 11.99 14.50
C TRP B 56 -18.57 11.03 15.61
N GLU B 57 -19.71 10.38 15.41
CA GLU B 57 -20.24 9.40 16.35
C GLU B 57 -20.09 8.01 15.74
N PHE B 58 -19.61 7.07 16.53
CA PHE B 58 -19.49 5.69 16.06
C PHE B 58 -20.36 4.78 16.93
N SER B 66 -16.44 -5.44 13.91
CA SER B 66 -16.42 -5.32 12.46
C SER B 66 -15.01 -4.91 12.02
N PRO B 67 -14.61 -5.27 10.79
CA PRO B 67 -13.32 -4.78 10.30
C PRO B 67 -13.29 -3.27 10.12
N TYR B 68 -14.45 -2.61 10.07
CA TYR B 68 -14.50 -1.17 9.82
C TYR B 68 -15.49 -0.51 10.77
N THR B 69 -15.37 0.82 10.87
CA THR B 69 -16.22 1.64 11.72
C THR B 69 -16.91 2.71 10.89
N MET B 70 -18.24 2.73 10.92
CA MET B 70 -18.99 3.77 10.23
C MET B 70 -19.04 5.03 11.08
N CYS B 71 -18.73 6.18 10.46
CA CYS B 71 -18.69 7.47 11.15
C CYS B 71 -19.92 8.26 10.76
N ARG B 72 -20.66 8.76 11.76
CA ARG B 72 -21.92 9.43 11.50
C ARG B 72 -21.92 10.80 12.16
N LEU B 73 -22.74 11.69 11.60
CA LEU B 73 -22.91 13.03 12.15
C LEU B 73 -24.28 13.55 11.75
N ARG B 74 -25.03 14.06 12.72
CA ARG B 74 -26.36 14.62 12.49
C ARG B 74 -27.26 13.66 11.70
N GLY B 75 -27.19 12.37 12.03
CA GLY B 75 -28.08 11.39 11.44
C GLY B 75 -27.66 10.83 10.09
N ARG B 76 -26.48 11.21 9.58
CA ARG B 76 -26.00 10.80 8.27
C ARG B 76 -24.64 10.14 8.37
N GLU B 77 -24.39 9.20 7.46
CA GLU B 77 -23.08 8.57 7.37
C GLU B 77 -22.12 9.52 6.65
N VAL B 78 -20.91 9.67 7.18
CA VAL B 78 -19.92 10.60 6.65
C VAL B 78 -18.79 9.85 5.94
N CYS B 79 -18.27 8.80 6.56
CA CYS B 79 -17.11 8.10 6.03
C CYS B 79 -16.94 6.82 6.83
N SER B 80 -15.92 6.04 6.47
CA SER B 80 -15.61 4.80 7.19
C SER B 80 -14.15 4.82 7.61
N ILE B 81 -13.86 4.17 8.73
CA ILE B 81 -12.49 3.97 9.19
C ILE B 81 -12.28 2.47 9.43
N GLY B 82 -11.22 1.92 8.84
CA GLY B 82 -10.95 0.50 8.96
C GLY B 82 -9.48 0.22 9.27
N ASP B 83 -9.21 -1.05 9.53
CA ASP B 83 -7.87 -1.50 9.90
C ASP B 83 -7.02 -1.78 8.68
N LEU B 84 -5.75 -1.39 8.76
CA LEU B 84 -4.79 -1.76 7.73
C LEU B 84 -4.42 -3.23 7.81
N GLY B 85 -4.67 -3.87 8.95
CA GLY B 85 -4.33 -5.25 9.14
C GLY B 85 -2.93 -5.42 9.73
N GLU B 86 -2.72 -6.58 10.35
CA GLU B 86 -1.41 -6.93 10.88
C GLU B 86 -0.38 -6.93 9.77
N ASN B 87 0.73 -6.22 10.01
CA ASN B 87 1.81 -6.17 9.03
C ASN B 87 3.12 -6.53 9.71
N PRO B 88 3.95 -7.38 9.09
CA PRO B 88 5.31 -7.60 9.60
C PRO B 88 6.20 -6.43 9.23
N GLY B 89 5.95 -5.27 9.84
CA GLY B 89 6.69 -4.07 9.53
C GLY B 89 5.84 -2.82 9.70
N PRO B 90 6.45 -1.67 9.43
CA PRO B 90 5.72 -0.41 9.56
C PRO B 90 4.65 -0.29 8.49
N ALA B 91 3.67 0.55 8.77
CA ALA B 91 2.56 0.80 7.87
C ALA B 91 2.20 2.27 7.97
N LEU B 92 1.66 2.82 6.89
CA LEU B 92 1.23 4.21 6.82
C LEU B 92 -0.25 4.25 6.51
N GLY B 93 -1.03 4.87 7.39
CA GLY B 93 -2.44 5.06 7.11
C GLY B 93 -2.67 6.03 5.97
N GLY B 94 -3.86 5.94 5.40
CA GLY B 94 -4.22 6.86 4.33
C GLY B 94 -5.69 6.93 4.00
N TRP B 95 -6.15 8.11 3.59
CA TRP B 95 -7.51 8.30 3.11
C TRP B 95 -7.60 7.95 1.64
N SER B 96 -8.58 7.11 1.26
CA SER B 96 -8.84 6.73 -0.12
C SER B 96 -10.11 7.39 -0.61
N SER B 97 -10.05 8.00 -1.77
CA SER B 97 -11.18 8.71 -2.37
C SER B 97 -11.81 7.90 -3.50
N TYR B 98 -13.12 8.04 -3.65
CA TYR B 98 -13.88 7.35 -4.69
C TYR B 98 -14.66 8.39 -5.48
N LEU B 99 -14.49 8.39 -6.80
CA LEU B 99 -15.24 9.25 -7.70
C LEU B 99 -16.30 8.43 -8.43
N SER B 100 -17.45 9.03 -8.70
CA SER B 100 -18.52 8.30 -9.34
C SER B 100 -18.24 8.11 -10.84
N VAL B 101 -18.63 6.94 -11.36
CA VAL B 101 -18.64 6.68 -12.80
C VAL B 101 -19.99 6.06 -13.15
N ASP B 102 -20.37 6.20 -14.42
CA ASP B 102 -21.62 5.58 -14.83
C ASP B 102 -21.43 4.13 -15.20
N ASP B 103 -20.26 3.75 -15.70
CA ASP B 103 -19.99 2.34 -15.95
C ASP B 103 -18.50 2.08 -15.78
N ALA B 104 -18.15 1.22 -14.83
CA ALA B 104 -16.75 0.93 -14.54
C ALA B 104 -16.05 0.36 -15.76
N ASP B 105 -16.76 -0.44 -16.55
CA ASP B 105 -16.11 -1.10 -17.67
C ASP B 105 -15.73 -0.11 -18.78
N ALA B 106 -16.60 0.85 -19.09
CA ALA B 106 -16.22 1.87 -20.07
C ALA B 106 -15.09 2.74 -19.54
N ALA B 107 -15.08 3.02 -18.24
CA ALA B 107 -14.01 3.80 -17.63
C ALA B 107 -12.69 3.05 -17.73
N ALA B 108 -12.68 1.77 -17.34
CA ALA B 108 -11.46 0.97 -17.44
C ALA B 108 -10.91 0.94 -18.85
N ALA B 109 -11.78 0.95 -19.86
CA ALA B 109 -11.29 0.94 -21.24
C ALA B 109 -10.72 2.28 -21.66
N ALA B 110 -11.27 3.38 -21.15
CA ALA B 110 -10.78 4.71 -21.53
C ALA B 110 -9.51 5.08 -20.80
N VAL B 111 -9.32 4.57 -19.58
CA VAL B 111 -8.18 4.97 -18.74
C VAL B 111 -6.83 4.82 -19.46
N PRO B 112 -6.52 3.66 -20.08
CA PRO B 112 -5.20 3.57 -20.72
C PRO B 112 -5.10 4.49 -21.92
N GLU B 113 -6.20 4.75 -22.63
CA GLU B 113 -6.16 5.63 -23.79
C GLU B 113 -5.80 7.06 -23.39
N LEU B 114 -6.14 7.46 -22.17
CA LEU B 114 -5.95 8.83 -21.72
C LEU B 114 -4.62 9.04 -20.99
N GLY B 115 -3.78 8.02 -20.90
CA GLY B 115 -2.47 8.14 -20.29
C GLY B 115 -2.34 7.50 -18.91
N GLY B 116 -3.39 6.89 -18.38
CA GLY B 116 -3.37 6.30 -17.06
C GLY B 116 -3.18 4.80 -17.09
N ALA B 117 -3.35 4.19 -15.91
CA ALA B 117 -3.27 2.74 -15.77
C ALA B 117 -4.43 2.22 -14.96
N VAL B 118 -4.99 1.07 -15.37
CA VAL B 118 -5.92 0.35 -14.50
C VAL B 118 -5.11 -0.48 -13.51
N LEU B 119 -5.24 -0.17 -12.22
CA LEU B 119 -4.46 -0.82 -11.19
C LEU B 119 -5.18 -2.00 -10.55
N LEU B 120 -6.50 -2.06 -10.66
CA LEU B 120 -7.25 -3.19 -10.12
C LEU B 120 -8.66 -3.14 -10.67
N GLY B 121 -9.20 -4.31 -11.03
CA GLY B 121 -10.57 -4.39 -11.46
C GLY B 121 -10.74 -4.13 -12.94
N PRO B 122 -11.98 -3.83 -13.38
CA PRO B 122 -13.21 -3.65 -12.59
C PRO B 122 -13.63 -4.91 -11.89
N ILE B 123 -14.05 -4.78 -10.64
CA ILE B 123 -14.43 -5.91 -9.80
C ILE B 123 -15.72 -5.57 -9.07
N ASP B 124 -16.64 -6.53 -9.02
CA ASP B 124 -17.87 -6.33 -8.28
C ASP B 124 -17.62 -6.38 -6.78
N ILE B 125 -18.45 -5.65 -6.03
CA ILE B 125 -18.34 -5.59 -4.57
C ILE B 125 -19.74 -5.86 -4.02
N LEU B 126 -20.02 -7.13 -3.72
CA LEU B 126 -21.32 -7.59 -3.17
C LEU B 126 -22.44 -7.10 -4.09
N ALA B 127 -23.52 -6.52 -3.57
CA ALA B 127 -24.49 -5.79 -4.37
C ALA B 127 -24.27 -4.28 -4.28
N GLN B 128 -23.17 -3.86 -3.65
CA GLN B 128 -22.85 -2.43 -3.55
C GLN B 128 -22.66 -1.81 -4.94
N GLY B 129 -21.82 -2.45 -5.76
CA GLY B 129 -21.66 -1.99 -7.13
C GLY B 129 -20.41 -2.60 -7.73
N ARG B 130 -19.81 -1.85 -8.63
CA ARG B 130 -18.63 -2.26 -9.39
C ARG B 130 -17.58 -1.18 -9.22
N MET B 131 -16.33 -1.59 -9.01
CA MET B 131 -15.29 -0.64 -8.65
C MET B 131 -14.02 -0.96 -9.41
N LEU B 132 -13.26 0.07 -9.76
CA LEU B 132 -11.90 -0.11 -10.23
C LEU B 132 -11.01 0.92 -9.57
N LEU B 133 -9.74 0.57 -9.43
CA LEU B 133 -8.73 1.48 -8.94
C LEU B 133 -7.92 1.92 -10.15
N ALA B 134 -7.70 3.23 -10.27
CA ALA B 134 -7.02 3.78 -11.42
C ALA B 134 -5.87 4.67 -10.97
N GLY B 135 -4.89 4.81 -11.86
CA GLY B 135 -3.81 5.76 -11.68
C GLY B 135 -3.81 6.75 -12.83
N ASP B 136 -3.59 8.02 -12.51
CA ASP B 136 -3.56 9.05 -13.54
C ASP B 136 -2.16 9.04 -14.16
N PRO B 137 -1.89 9.89 -15.17
CA PRO B 137 -0.55 9.87 -15.78
C PRO B 137 0.58 10.12 -14.79
N SER B 138 0.36 10.90 -13.73
CA SER B 138 1.41 11.10 -12.75
C SER B 138 1.54 9.94 -11.77
N GLY B 139 0.61 9.00 -11.80
CA GLY B 139 0.62 7.90 -10.85
C GLY B 139 -0.19 8.09 -9.60
N HIS B 140 -0.94 9.18 -9.48
CA HIS B 140 -1.83 9.32 -8.33
C HIS B 140 -2.95 8.29 -8.44
N ARG B 141 -3.35 7.72 -7.31
CA ARG B 141 -4.37 6.69 -7.28
C ARG B 141 -5.72 7.28 -6.88
N VAL B 142 -6.78 6.80 -7.52
CA VAL B 142 -8.14 7.17 -7.12
C VAL B 142 -9.07 5.99 -7.41
N GLY B 143 -10.10 5.84 -6.58
CA GLY B 143 -11.11 4.83 -6.81
C GLY B 143 -12.21 5.37 -7.72
N LEU B 144 -12.71 4.52 -8.60
CA LEU B 144 -13.85 4.84 -9.44
C LEU B 144 -14.97 3.87 -9.10
N TRP B 145 -16.13 4.39 -8.76
CA TRP B 145 -17.17 3.59 -8.12
C TRP B 145 -18.44 3.71 -8.94
N GLN B 146 -18.90 2.58 -9.47
CA GLN B 146 -20.18 2.49 -10.15
C GLN B 146 -21.18 1.93 -9.13
N ALA B 147 -22.07 2.79 -8.65
CA ALA B 147 -22.95 2.45 -7.54
C ALA B 147 -24.20 1.74 -8.07
N LYS B 148 -24.47 0.53 -7.55
CA LYS B 148 -25.77 -0.09 -7.78
C LYS B 148 -26.89 0.56 -6.96
N GLU B 149 -26.57 1.65 -6.26
CA GLU B 149 -27.53 2.41 -5.46
C GLU B 149 -28.32 1.51 -4.51
N PRO B 155 -24.19 15.10 1.45
CA PRO B 155 -25.49 15.76 1.43
C PRO B 155 -25.62 16.85 2.52
N ASP B 156 -24.76 16.76 3.53
CA ASP B 156 -24.75 17.67 4.67
C ASP B 156 -23.72 18.76 4.40
N ASP B 157 -24.12 20.01 4.58
CA ASP B 157 -23.22 21.13 4.33
C ASP B 157 -22.63 21.72 5.61
N GLY B 158 -22.89 21.12 6.76
CA GLY B 158 -22.45 21.65 8.03
C GLY B 158 -21.04 21.23 8.39
N ILE B 159 -20.58 21.74 9.54
CA ILE B 159 -19.23 21.47 10.01
C ILE B 159 -19.05 19.99 10.28
N GLY B 160 -17.93 19.44 9.83
CA GLY B 160 -17.62 18.04 10.06
C GLY B 160 -18.08 17.11 8.98
N ALA B 161 -18.84 17.58 7.99
CA ALA B 161 -19.24 16.75 6.88
C ALA B 161 -18.16 16.68 5.82
N TYR B 162 -18.20 15.60 5.03
CA TYR B 162 -17.31 15.41 3.90
C TYR B 162 -17.80 16.27 2.73
N THR B 163 -16.98 17.22 2.31
CA THR B 163 -17.36 18.20 1.29
C THR B 163 -16.98 17.73 -0.11
N ARG B 164 -15.72 17.35 -0.32
CA ARG B 164 -15.24 16.88 -1.61
C ARG B 164 -13.86 16.29 -1.39
N SER B 165 -13.28 15.73 -2.45
CA SER B 165 -11.86 15.43 -2.48
C SER B 165 -11.17 16.34 -3.49
N GLU B 166 -9.89 16.57 -3.28
CA GLU B 166 -9.13 17.50 -4.09
C GLU B 166 -7.82 16.85 -4.49
N LEU B 167 -7.41 17.06 -5.74
CA LEU B 167 -6.15 16.53 -6.22
C LEU B 167 -5.07 17.61 -6.10
N LEU B 168 -4.02 17.32 -5.30
CA LEU B 168 -2.85 18.19 -5.23
C LEU B 168 -1.81 17.61 -6.18
N THR B 169 -1.40 18.39 -7.19
CA THR B 169 -0.56 17.81 -8.22
C THR B 169 0.47 18.81 -8.70
N GLY B 170 1.66 18.32 -9.01
CA GLY B 170 2.66 19.11 -9.69
C GLY B 170 2.56 19.10 -11.22
N ALA B 171 1.58 18.39 -11.78
CA ALA B 171 1.40 18.32 -13.23
C ALA B 171 -0.08 18.46 -13.56
N SER B 172 -0.63 19.65 -13.26
CA SER B 172 -2.07 19.82 -13.33
C SER B 172 -2.62 19.69 -14.75
N ALA B 173 -1.82 20.01 -15.77
CA ALA B 173 -2.32 19.93 -17.15
C ALA B 173 -2.41 18.48 -17.62
N THR B 174 -1.35 17.70 -17.38
CA THR B 174 -1.37 16.30 -17.75
C THR B 174 -2.44 15.53 -16.97
N ASP B 175 -2.52 15.75 -15.66
CA ASP B 175 -3.54 15.06 -14.87
C ASP B 175 -4.93 15.61 -15.18
N GLY B 176 -5.04 16.92 -15.37
CA GLY B 176 -6.32 17.51 -15.73
C GLY B 176 -6.89 16.97 -17.03
N ALA B 177 -6.05 16.83 -18.06
CA ALA B 177 -6.53 16.28 -19.33
C ALA B 177 -7.10 14.89 -19.13
N PHE B 178 -6.46 14.07 -18.28
CA PHE B 178 -6.91 12.72 -18.01
C PHE B 178 -8.29 12.71 -17.34
N TYR B 179 -8.48 13.50 -16.27
CA TYR B 179 -9.75 13.45 -15.56
C TYR B 179 -10.87 14.07 -16.38
N ARG B 180 -10.58 15.14 -17.13
CA ARG B 180 -11.58 15.72 -18.02
C ARG B 180 -11.89 14.80 -19.19
N GLY B 181 -10.93 13.97 -19.59
CA GLY B 181 -11.21 12.99 -20.62
C GLY B 181 -12.17 11.92 -20.13
N LEU B 182 -12.09 11.60 -18.85
CA LEU B 182 -13.00 10.63 -18.23
C LEU B 182 -14.36 11.24 -17.92
N PHE B 183 -14.41 12.48 -17.44
CA PHE B 183 -15.61 13.03 -16.83
C PHE B 183 -16.21 14.23 -17.54
N GLY B 184 -15.58 14.74 -18.60
CA GLY B 184 -16.12 15.90 -19.28
C GLY B 184 -15.41 17.18 -18.90
N ALA B 185 -15.57 18.20 -19.76
CA ALA B 185 -14.81 19.44 -19.62
C ALA B 185 -15.12 20.17 -18.31
N ASP B 186 -16.33 20.03 -17.79
CA ASP B 186 -16.69 20.73 -16.57
C ASP B 186 -16.01 20.19 -15.33
N PHE B 187 -15.34 19.04 -15.42
CA PHE B 187 -14.75 18.45 -14.24
C PHE B 187 -13.76 19.41 -13.59
N ALA B 188 -13.85 19.52 -12.27
CA ALA B 188 -13.05 20.49 -11.50
C ALA B 188 -13.32 21.91 -11.97
N THR B 189 -14.61 22.22 -12.18
CA THR B 189 -15.10 23.56 -12.55
C THR B 189 -14.33 24.17 -13.71
N ARG B 198 -21.46 17.64 -4.78
CA ARG B 198 -20.03 17.62 -4.47
C ARG B 198 -19.24 17.80 -5.76
N ARG B 199 -18.21 18.65 -5.75
CA ARG B 199 -17.41 18.91 -6.95
C ARG B 199 -15.94 18.80 -6.62
N ALA B 200 -15.23 17.95 -7.36
CA ALA B 200 -13.81 17.80 -7.13
C ALA B 200 -13.07 19.04 -7.57
N ALA B 201 -11.84 19.20 -7.10
CA ALA B 201 -11.00 20.31 -7.52
C ALA B 201 -9.59 19.79 -7.75
N ILE B 202 -8.82 20.55 -8.55
CA ILE B 202 -7.41 20.27 -8.80
C ILE B 202 -6.61 21.49 -8.36
N ARG B 203 -5.58 21.26 -7.56
CA ARG B 203 -4.73 22.35 -7.07
C ARG B 203 -3.28 22.13 -7.47
N GLN B 204 -2.63 23.18 -7.98
CA GLN B 204 -1.22 23.13 -8.32
C GLN B 204 -0.36 23.28 -7.07
N VAL B 205 0.56 22.34 -6.87
CA VAL B 205 1.47 22.41 -5.71
C VAL B 205 2.91 22.30 -6.19
N GLY B 206 3.83 22.80 -5.34
CA GLY B 206 5.25 22.75 -5.59
C GLY B 206 5.84 21.39 -5.26
N PRO B 207 7.15 21.27 -5.52
CA PRO B 207 7.80 19.96 -5.33
C PRO B 207 7.87 19.49 -3.88
N ALA B 208 7.86 20.41 -2.91
CA ALA B 208 7.89 20.01 -1.50
C ALA B 208 6.54 19.55 -0.96
N ALA B 209 5.49 19.61 -1.75
CA ALA B 209 4.13 19.42 -1.24
C ALA B 209 3.74 17.95 -1.26
N PRO B 210 2.79 17.56 -0.41
CA PRO B 210 2.13 16.27 -0.62
C PRO B 210 1.34 16.32 -1.93
N SER B 211 1.15 15.15 -2.57
CA SER B 211 0.45 15.09 -3.84
C SER B 211 -0.46 13.87 -3.86
N GLY B 212 -1.47 13.92 -4.71
CA GLY B 212 -2.50 12.90 -4.75
C GLY B 212 -3.85 13.46 -4.34
N TRP B 213 -4.83 12.55 -4.18
CA TRP B 213 -6.19 12.89 -3.81
C TRP B 213 -6.33 12.92 -2.29
N TYR B 214 -6.92 14.01 -1.75
CA TYR B 214 -7.15 14.12 -0.30
C TYR B 214 -8.57 14.56 0.02
N PRO B 215 -9.17 14.06 1.09
CA PRO B 215 -10.54 14.47 1.43
C PRO B 215 -10.57 15.85 2.07
N CYS B 216 -11.67 16.56 1.86
CA CYS B 216 -11.88 17.88 2.46
C CYS B 216 -13.13 17.85 3.32
N PHE B 217 -12.99 18.28 4.57
CA PHE B 217 -14.09 18.31 5.52
C PHE B 217 -14.34 19.76 5.91
N ARG B 218 -15.62 20.10 6.04
CA ARG B 218 -15.99 21.45 6.47
C ARG B 218 -15.64 21.66 7.94
N ALA B 219 -15.17 22.88 8.29
CA ALA B 219 -14.90 23.17 9.69
C ALA B 219 -14.79 24.68 9.90
N GLN B 220 -14.80 25.08 11.18
CA GLN B 220 -14.59 26.47 11.58
C GLN B 220 -13.10 26.75 11.77
N GLU B 221 -12.75 28.04 11.73
CA GLU B 221 -11.35 28.42 11.94
C GLU B 221 -10.80 27.86 13.24
N SER B 222 -11.65 27.69 14.26
CA SER B 222 -11.19 27.23 15.56
C SER B 222 -10.69 25.80 15.53
N ALA B 223 -11.04 25.03 14.48
CA ALA B 223 -10.59 23.65 14.38
C ALA B 223 -9.11 23.53 14.03
N VAL B 224 -8.47 24.58 13.51
CA VAL B 224 -7.06 24.51 13.11
C VAL B 224 -6.20 24.46 14.37
N PRO B 225 -6.24 25.42 15.30
CA PRO B 225 -5.52 25.20 16.57
C PRO B 225 -6.00 23.96 17.31
N ALA B 226 -7.28 23.57 17.17
CA ALA B 226 -7.75 22.38 17.87
C ALA B 226 -7.05 21.13 17.34
N ALA B 227 -6.88 21.05 16.01
CA ALA B 227 -6.13 19.92 15.44
C ALA B 227 -4.66 19.94 15.90
N VAL B 228 -4.05 21.12 15.92
CA VAL B 228 -2.65 21.23 16.37
C VAL B 228 -2.54 20.76 17.82
N MET B 229 -3.41 21.30 18.70
CA MET B 229 -3.53 20.82 20.08
C MET B 229 -3.60 19.29 20.14
N LEU B 230 -4.27 18.67 19.15
CA LEU B 230 -4.44 17.23 19.16
C LEU B 230 -3.28 16.47 18.51
N GLY B 231 -2.19 17.14 18.15
CA GLY B 231 -1.03 16.48 17.59
C GLY B 231 -0.90 16.51 16.07
N ALA B 232 -1.81 17.15 15.35
CA ALA B 232 -1.69 17.25 13.89
C ALA B 232 -0.73 18.38 13.49
N SER B 233 -0.31 18.37 12.22
CA SER B 233 0.62 19.38 11.71
C SER B 233 0.07 20.00 10.43
N VAL B 234 0.01 21.32 10.38
CA VAL B 234 -0.42 21.98 9.15
C VAL B 234 0.69 21.89 8.11
N LEU B 235 0.33 21.53 6.87
CA LEU B 235 1.31 21.48 5.79
C LEU B 235 1.19 22.66 4.84
N LEU B 236 -0.01 23.25 4.73
CA LEU B 236 -0.21 24.37 3.82
C LEU B 236 -1.55 25.01 4.14
N ARG B 237 -1.57 26.35 4.20
CA ARG B 237 -2.82 27.11 4.26
C ARG B 237 -2.98 27.88 2.95
N TYR B 238 -4.03 27.58 2.18
CA TYR B 238 -4.26 28.17 0.86
C TYR B 238 -5.71 28.63 0.73
N ASP B 239 -6.07 29.19 -0.44
CA ASP B 239 -7.38 29.81 -0.63
C ASP B 239 -8.12 29.21 -1.81
N CYS B 240 -9.34 28.75 -1.54
CA CYS B 240 -10.30 28.18 -2.47
C CYS B 240 -11.30 29.22 -2.95
N PRO B 241 -11.99 28.97 -4.06
CA PRO B 241 -13.07 29.85 -4.47
C PRO B 241 -14.25 29.84 -3.52
N ASP B 242 -14.18 29.09 -2.41
CA ASP B 242 -15.26 29.03 -1.44
C ASP B 242 -14.76 29.21 0.00
N GLY B 243 -13.53 29.66 0.18
CA GLY B 243 -13.01 29.89 1.51
C GLY B 243 -11.58 29.46 1.69
N PRO B 244 -10.99 29.79 2.84
CA PRO B 244 -9.64 29.32 3.14
C PRO B 244 -9.62 27.81 3.37
N ALA B 245 -8.53 27.18 2.98
CA ALA B 245 -8.35 25.75 3.18
C ALA B 245 -7.00 25.48 3.84
N VAL B 246 -6.95 24.44 4.67
CA VAL B 246 -5.72 24.06 5.35
C VAL B 246 -5.50 22.58 5.11
N VAL B 247 -4.31 22.21 4.61
CA VAL B 247 -3.89 20.82 4.49
C VAL B 247 -3.20 20.38 5.77
N VAL B 248 -3.64 19.26 6.33
CA VAL B 248 -3.27 18.80 7.66
C VAL B 248 -2.73 17.39 7.59
N SER B 249 -1.64 17.14 8.30
CA SER B 249 -1.09 15.81 8.52
C SER B 249 -1.56 15.33 9.90
N ALA B 250 -2.35 14.27 9.93
CA ALA B 250 -2.82 13.72 11.19
C ALA B 250 -1.66 13.11 11.97
N PRO B 251 -1.83 12.89 13.28
CA PRO B 251 -0.76 12.25 14.07
C PRO B 251 -0.25 10.95 13.46
N GLY B 252 -1.15 10.13 12.94
CA GLY B 252 -0.76 8.91 12.24
C GLY B 252 -0.19 9.12 10.85
N GLY B 253 -0.13 10.36 10.36
CA GLY B 253 0.52 10.65 9.10
C GLY B 253 -0.39 10.83 7.89
N GLU B 254 -1.59 10.25 7.91
CA GLU B 254 -2.52 10.47 6.80
C GLU B 254 -2.84 11.95 6.67
N VAL B 255 -3.20 12.37 5.47
CA VAL B 255 -3.38 13.79 5.17
C VAL B 255 -4.83 14.03 4.78
N PHE B 256 -5.38 15.14 5.26
CA PHE B 256 -6.73 15.57 4.89
C PHE B 256 -6.74 17.09 4.87
N THR B 257 -7.84 17.65 4.41
CA THR B 257 -7.98 19.10 4.26
C THR B 257 -9.21 19.61 5.00
N LEU B 258 -9.05 20.76 5.65
CA LEU B 258 -10.14 21.46 6.32
C LEU B 258 -10.54 22.66 5.47
N LEU B 259 -11.81 22.71 5.07
CA LEU B 259 -12.38 23.87 4.39
C LEU B 259 -13.03 24.78 5.44
N LEU B 260 -12.50 25.98 5.61
CA LEU B 260 -12.94 26.84 6.71
C LEU B 260 -14.22 27.58 6.34
N THR B 261 -15.18 27.61 7.29
CA THR B 261 -16.59 28.02 7.08
C THR B 261 -16.91 28.75 5.78
#